data_7JYM
#
_entry.id   7JYM
#
_cell.length_a   61.297
_cell.length_b   61.297
_cell.length_c   155.945
_cell.angle_alpha   90.00
_cell.angle_beta   90.00
_cell.angle_gamma   90.00
#
_symmetry.space_group_name_H-M   'P 41 21 2'
#
loop_
_entity.id
_entity.type
_entity.pdbx_description
1 polymer 'Nuclear receptor ROR-gamma, Nuclear receptor coactivator 1'
2 non-polymer (3R,5S)-3-fluoro-5-[(3aR,9bR)-9b-[(4-fluorophenyl)sulfonyl]-7-(1,1,1,2,3,3,3-heptafluoropropan-2-yl)-1,2,3a,4,5,9b-hexahydro-3H-benzo[e]indole-3-carbonyl]-1-(2-hydroxy-2-methylpropyl)pyrrolidin-2-one
3 water water
#
_entity_poly.entity_id   1
_entity_poly.type   'polypeptide(L)'
_entity_poly.pdbx_seq_one_letter_code
;MGSSHHHHHHSSGLVPRGSHMASLTEIEHLVQSVCKSYRETCQLRLEDLLRQRSNIFSREEVTGYQRKSMWEMWERCAHH
LTEAIQYVVEFAKRLSGFMELCQNDQIVLLKAGAMEVVLVRMCRAYNADNRTVFFEGKYGGMELFRALGCSELISSIFDF
SHSLSALHFSEDEIALYTALVLINAHRPGLQEKRKVEQLQYNLELAFHHHLCKTHRQSILAKLPPKGKLRSLCSQHVERL
QIFQHLHPIVVQAAFPPLYKELFSTSGGSGGLTERHKILHRLLQE
;
_entity_poly.pdbx_strand_id   A
#
loop_
_chem_comp.id
_chem_comp.type
_chem_comp.name
_chem_comp.formula
Z8I non-polymer (3R,5S)-3-fluoro-5-[(3aR,9bR)-9b-[(4-fluorophenyl)sulfonyl]-7-(1,1,1,2,3,3,3-heptafluoropropan-2-yl)-1,2,3a,4,5,9b-hexahydro-3H-benzo[e]indole-3-carbonyl]-1-(2-hydroxy-2-methylpropyl)pyrrolidin-2-one 'C30 H29 F9 N2 O5 S'
#
# COMPACT_ATOMS: atom_id res chain seq x y z
N MET A 21 -28.42 -6.67 -9.46
CA MET A 21 -27.30 -6.40 -10.35
C MET A 21 -26.14 -7.37 -10.18
N ALA A 22 -25.28 -7.48 -11.21
CA ALA A 22 -24.10 -8.36 -11.22
C ALA A 22 -24.43 -9.81 -10.83
N SER A 23 -24.63 -10.66 -11.86
CA SER A 23 -24.90 -12.11 -11.77
C SER A 23 -23.57 -12.86 -11.49
N LEU A 24 -23.62 -14.19 -11.33
CA LEU A 24 -22.43 -14.98 -11.00
C LEU A 24 -21.31 -14.86 -12.04
N THR A 25 -21.63 -14.79 -13.36
CA THR A 25 -20.53 -14.66 -14.35
C THR A 25 -19.98 -13.24 -14.36
N GLU A 26 -20.82 -12.24 -14.08
CA GLU A 26 -20.35 -10.87 -14.03
C GLU A 26 -19.40 -10.67 -12.83
N ILE A 27 -19.70 -11.35 -11.69
CA ILE A 27 -18.87 -11.36 -10.47
C ILE A 27 -17.58 -12.12 -10.75
N GLU A 28 -17.67 -13.29 -11.41
CA GLU A 28 -16.48 -14.04 -11.78
C GLU A 28 -15.60 -13.31 -12.80
N HIS A 29 -16.21 -12.44 -13.63
CA HIS A 29 -15.49 -11.61 -14.60
C HIS A 29 -14.75 -10.51 -13.86
N LEU A 30 -15.38 -9.95 -12.81
CA LEU A 30 -14.81 -8.89 -11.99
C LEU A 30 -13.57 -9.41 -11.31
N VAL A 31 -13.63 -10.63 -10.73
CA VAL A 31 -12.50 -11.28 -10.06
C VAL A 31 -11.28 -11.30 -10.96
N GLN A 32 -11.44 -11.82 -12.19
CA GLN A 32 -10.31 -11.94 -13.09
C GLN A 32 -9.78 -10.60 -13.56
N SER A 33 -10.68 -9.64 -13.73
CA SER A 33 -10.35 -8.28 -14.11
C SER A 33 -9.55 -7.60 -13.01
N VAL A 34 -9.86 -7.85 -11.73
CA VAL A 34 -9.12 -7.25 -10.62
C VAL A 34 -7.74 -7.92 -10.48
N CYS A 35 -7.70 -9.23 -10.65
CA CYS A 35 -6.47 -9.97 -10.55
C CYS A 35 -5.49 -9.61 -11.66
N LYS A 36 -6.01 -9.41 -12.90
CA LYS A 36 -5.20 -8.99 -14.04
C LYS A 36 -4.65 -7.60 -13.80
N SER A 37 -5.51 -6.67 -13.35
CA SER A 37 -5.17 -5.26 -13.07
C SER A 37 -4.10 -5.10 -12.04
N TYR A 38 -4.01 -6.02 -11.11
CA TYR A 38 -3.01 -5.97 -10.07
C TYR A 38 -1.68 -6.53 -10.57
N ARG A 39 -1.71 -7.57 -11.42
CA ARG A 39 -0.47 -8.12 -11.99
C ARG A 39 0.21 -7.06 -12.85
N GLU A 40 -0.58 -6.37 -13.68
CA GLU A 40 -0.12 -5.30 -14.55
C GLU A 40 0.46 -4.10 -13.81
N THR A 41 0.10 -3.91 -12.53
CA THR A 41 0.50 -2.75 -11.76
C THR A 41 1.26 -3.01 -10.47
N CYS A 42 1.64 -4.26 -10.17
CA CYS A 42 2.47 -4.46 -8.98
C CYS A 42 3.91 -4.11 -9.37
N GLN A 43 4.66 -3.48 -8.46
CA GLN A 43 5.99 -2.99 -8.78
C GLN A 43 6.98 -4.15 -9.11
N LEU A 44 6.85 -5.27 -8.40
CA LEU A 44 7.73 -6.42 -8.62
C LEU A 44 6.96 -7.71 -8.50
N ARG A 45 7.23 -8.69 -9.40
CA ARG A 45 6.55 -10.00 -9.33
C ARG A 45 6.85 -10.68 -8.00
N LEU A 46 5.90 -11.45 -7.45
CA LEU A 46 6.15 -12.15 -6.17
C LEU A 46 7.39 -13.05 -6.25
N GLU A 47 7.53 -13.73 -7.38
CA GLU A 47 8.65 -14.59 -7.71
C GLU A 47 9.99 -13.84 -7.60
N ASP A 48 10.04 -12.58 -8.10
CA ASP A 48 11.23 -11.72 -8.06
C ASP A 48 11.65 -11.47 -6.63
N LEU A 49 10.69 -11.13 -5.75
CA LEU A 49 10.95 -10.86 -4.33
C LEU A 49 11.33 -12.13 -3.59
N LEU A 50 10.71 -13.25 -3.95
CA LEU A 50 10.98 -14.50 -3.31
C LEU A 50 12.34 -15.01 -3.64
N ARG A 51 12.77 -14.85 -4.90
CA ARG A 51 14.09 -15.30 -5.31
C ARG A 51 15.23 -14.53 -4.64
N GLN A 52 14.95 -13.32 -4.11
CA GLN A 52 15.94 -12.46 -3.45
C GLN A 52 16.15 -12.73 -1.97
N ARG A 53 15.28 -13.54 -1.34
CA ARG A 53 15.28 -13.81 0.10
C ARG A 53 16.63 -14.06 0.77
N SER A 54 17.59 -14.67 0.05
CA SER A 54 18.89 -14.98 0.63
C SER A 54 19.99 -13.92 0.39
N ASN A 55 19.59 -12.74 -0.12
CA ASN A 55 20.46 -11.61 -0.40
C ASN A 55 20.26 -10.63 0.75
N ILE A 56 20.83 -10.91 1.93
CA ILE A 56 20.63 -10.06 3.10
C ILE A 56 21.76 -9.08 3.35
N PHE A 57 21.43 -7.83 3.71
CA PHE A 57 22.41 -6.79 4.02
C PHE A 57 23.38 -7.23 5.09
N SER A 58 24.70 -7.09 4.83
CA SER A 58 25.75 -7.44 5.78
C SER A 58 25.72 -6.55 7.02
N ARG A 59 26.33 -6.98 8.13
CA ARG A 59 26.39 -6.16 9.36
C ARG A 59 26.92 -4.73 9.09
N GLU A 60 27.97 -4.67 8.25
CA GLU A 60 28.66 -3.45 7.83
C GLU A 60 27.67 -2.56 7.08
N GLU A 61 26.94 -3.15 6.09
CA GLU A 61 25.91 -2.49 5.28
C GLU A 61 24.78 -1.92 6.14
N VAL A 62 24.32 -2.67 7.14
CA VAL A 62 23.29 -2.18 8.06
C VAL A 62 23.83 -0.98 8.84
N THR A 63 25.08 -1.08 9.32
CA THR A 63 25.74 0.02 10.04
C THR A 63 25.84 1.29 9.16
N GLY A 64 26.01 1.09 7.85
CA GLY A 64 26.05 2.19 6.90
C GLY A 64 24.73 2.93 6.87
N TYR A 65 23.62 2.16 6.84
CA TYR A 65 22.28 2.75 6.89
C TYR A 65 22.02 3.44 8.20
N GLN A 66 22.51 2.88 9.30
CA GLN A 66 22.34 3.41 10.64
C GLN A 66 23.08 4.73 10.81
N ARG A 67 24.33 4.78 10.30
CA ARG A 67 25.17 5.98 10.33
C ARG A 67 24.68 7.08 9.39
N LYS A 68 23.75 6.78 8.47
CA LYS A 68 23.24 7.78 7.55
C LYS A 68 22.49 8.90 8.29
N SER A 69 22.40 10.09 7.68
CA SER A 69 21.72 11.20 8.31
C SER A 69 20.23 10.98 8.30
N MET A 70 19.51 11.62 9.22
CA MET A 70 18.06 11.46 9.31
C MET A 70 17.38 11.99 8.06
N TRP A 71 17.72 13.20 7.66
CA TRP A 71 17.15 13.84 6.47
C TRP A 71 17.52 13.08 5.19
N GLU A 72 18.64 12.34 5.18
CA GLU A 72 19.01 11.58 4.00
C GLU A 72 18.12 10.33 3.90
N MET A 73 17.94 9.63 5.03
CA MET A 73 17.13 8.44 5.09
C MET A 73 15.67 8.74 4.77
N TRP A 74 15.16 9.87 5.30
CA TRP A 74 13.81 10.36 5.10
C TRP A 74 13.54 10.68 3.63
N GLU A 75 14.54 11.23 2.91
CA GLU A 75 14.42 11.55 1.49
C GLU A 75 14.25 10.23 0.74
N ARG A 76 15.15 9.24 1.00
CA ARG A 76 15.17 7.91 0.39
C ARG A 76 13.84 7.17 0.53
N CYS A 77 13.28 7.24 1.72
CA CYS A 77 12.03 6.59 2.01
C CYS A 77 10.89 7.28 1.37
N ALA A 78 10.81 8.61 1.44
CA ALA A 78 9.72 9.34 0.77
C ALA A 78 9.70 9.04 -0.73
N HIS A 79 10.90 8.97 -1.33
CA HIS A 79 11.11 8.64 -2.73
C HIS A 79 10.58 7.23 -3.04
N HIS A 80 10.96 6.25 -2.23
CA HIS A 80 10.51 4.88 -2.44
C HIS A 80 9.02 4.75 -2.28
N LEU A 81 8.44 5.48 -1.32
CA LEU A 81 7.00 5.46 -1.07
C LEU A 81 6.23 6.09 -2.25
N THR A 82 6.83 7.09 -2.89
CA THR A 82 6.21 7.76 -4.01
C THR A 82 6.17 6.82 -5.19
N GLU A 83 7.26 6.06 -5.47
CA GLU A 83 7.28 5.10 -6.59
C GLU A 83 6.18 4.05 -6.39
N ALA A 84 6.04 3.56 -5.14
CA ALA A 84 5.05 2.56 -4.76
C ALA A 84 3.64 3.10 -4.99
N ILE A 85 3.38 4.36 -4.56
CA ILE A 85 2.09 5.02 -4.73
C ILE A 85 1.77 5.18 -6.20
N GLN A 86 2.79 5.51 -7.04
CA GLN A 86 2.60 5.68 -8.49
C GLN A 86 2.01 4.45 -9.18
N TYR A 87 2.35 3.25 -8.70
CA TYR A 87 1.83 1.98 -9.19
C TYR A 87 0.38 1.73 -8.70
N VAL A 88 0.06 2.24 -7.49
CA VAL A 88 -1.26 2.17 -6.87
C VAL A 88 -2.21 3.11 -7.63
N VAL A 89 -1.70 4.24 -8.12
CA VAL A 89 -2.51 5.16 -8.92
C VAL A 89 -2.88 4.47 -10.24
N GLU A 90 -1.94 3.71 -10.83
CA GLU A 90 -2.16 2.96 -12.06
C GLU A 90 -3.10 1.77 -11.83
N PHE A 91 -3.00 1.13 -10.66
CA PHE A 91 -3.89 0.02 -10.28
C PHE A 91 -5.32 0.55 -10.18
N ALA A 92 -5.50 1.76 -9.58
CA ALA A 92 -6.79 2.43 -9.45
C ALA A 92 -7.33 2.76 -10.85
N LYS A 93 -6.51 3.35 -11.75
CA LYS A 93 -6.90 3.67 -13.13
C LYS A 93 -7.37 2.43 -13.91
N ARG A 94 -6.79 1.25 -13.61
CA ARG A 94 -7.16 -0.01 -14.27
C ARG A 94 -8.30 -0.76 -13.54
N LEU A 95 -8.78 -0.24 -12.42
CA LEU A 95 -9.85 -0.88 -11.67
C LEU A 95 -11.17 -0.62 -12.38
N SER A 96 -11.98 -1.67 -12.57
CA SER A 96 -13.25 -1.53 -13.27
C SER A 96 -14.19 -0.52 -12.56
N GLY A 97 -14.63 0.50 -13.27
CA GLY A 97 -15.56 1.47 -12.70
C GLY A 97 -14.94 2.63 -11.96
N PHE A 98 -13.63 2.55 -11.65
CA PHE A 98 -12.96 3.63 -10.94
C PHE A 98 -12.88 4.86 -11.82
N MET A 99 -12.52 4.70 -13.10
CA MET A 99 -12.44 5.87 -13.99
C MET A 99 -13.82 6.48 -14.30
N GLU A 100 -14.91 5.71 -14.08
CA GLU A 100 -16.29 6.15 -14.26
C GLU A 100 -16.67 7.23 -13.20
N LEU A 101 -16.22 7.06 -11.93
CA LEU A 101 -16.46 8.04 -10.85
C LEU A 101 -15.89 9.43 -11.23
N CYS A 102 -16.34 10.50 -10.55
CA CYS A 102 -15.80 11.83 -10.83
C CYS A 102 -14.37 12.00 -10.31
N GLN A 103 -13.63 12.97 -10.86
CA GLN A 103 -12.26 13.24 -10.42
C GLN A 103 -12.16 13.54 -8.93
N ASN A 104 -13.18 14.20 -8.34
CA ASN A 104 -13.13 14.49 -6.91
C ASN A 104 -13.12 13.19 -6.11
N ASP A 105 -14.01 12.27 -6.50
CA ASP A 105 -14.13 10.99 -5.85
C ASP A 105 -12.88 10.14 -6.07
N GLN A 106 -12.32 10.20 -7.30
CA GLN A 106 -11.10 9.49 -7.68
C GLN A 106 -9.92 9.97 -6.81
N ILE A 107 -9.82 11.27 -6.59
CA ILE A 107 -8.74 11.85 -5.81
C ILE A 107 -8.94 11.61 -4.29
N VAL A 108 -10.20 11.59 -3.84
CA VAL A 108 -10.50 11.36 -2.43
C VAL A 108 -10.15 9.93 -2.07
N LEU A 109 -10.54 8.97 -2.92
CA LEU A 109 -10.27 7.55 -2.69
C LEU A 109 -8.76 7.27 -2.68
N LEU A 110 -8.03 7.88 -3.64
CA LEU A 110 -6.59 7.71 -3.76
C LEU A 110 -5.87 8.37 -2.63
N LYS A 111 -6.33 9.56 -2.16
CA LYS A 111 -5.62 10.24 -1.06
C LYS A 111 -5.66 9.40 0.20
N ALA A 112 -6.85 8.90 0.56
CA ALA A 112 -7.05 8.10 1.76
C ALA A 112 -6.50 6.64 1.68
N GLY A 113 -6.75 5.99 0.53
CA GLY A 113 -6.39 4.60 0.31
C GLY A 113 -5.06 4.27 -0.33
N ALA A 114 -4.34 5.25 -0.93
CA ALA A 114 -3.06 4.93 -1.59
C ALA A 114 -1.99 4.39 -0.63
N MET A 115 -1.77 5.09 0.51
CA MET A 115 -0.82 4.61 1.52
C MET A 115 -1.26 3.25 2.06
N GLU A 116 -2.58 3.12 2.32
CA GLU A 116 -3.22 1.91 2.78
C GLU A 116 -2.92 0.74 1.85
N VAL A 117 -3.15 0.88 0.54
CA VAL A 117 -2.89 -0.20 -0.42
C VAL A 117 -1.44 -0.66 -0.35
N VAL A 118 -0.49 0.28 -0.31
CA VAL A 118 0.95 -0.01 -0.17
C VAL A 118 1.25 -0.77 1.17
N LEU A 119 0.61 -0.39 2.27
CA LEU A 119 0.80 -1.06 3.55
C LEU A 119 0.41 -2.53 3.51
N VAL A 120 -0.55 -2.89 2.65
CA VAL A 120 -0.98 -4.29 2.51
C VAL A 120 -0.02 -4.99 1.54
N ARG A 121 0.23 -4.33 0.40
CA ARG A 121 1.09 -4.74 -0.69
C ARG A 121 2.48 -5.13 -0.21
N MET A 122 3.04 -4.38 0.74
CA MET A 122 4.39 -4.58 1.29
C MET A 122 4.63 -5.95 1.96
N CYS A 123 3.55 -6.66 2.33
CA CYS A 123 3.69 -7.98 2.94
C CYS A 123 4.40 -8.96 1.98
N ARG A 124 4.26 -8.76 0.66
CA ARG A 124 4.91 -9.58 -0.34
C ARG A 124 6.40 -9.46 -0.30
N ALA A 125 6.91 -8.25 0.00
CA ALA A 125 8.34 -7.96 0.12
C ALA A 125 8.91 -8.22 1.53
N TYR A 126 8.11 -8.82 2.44
CA TYR A 126 8.51 -9.16 3.81
C TYR A 126 8.80 -10.68 3.95
N ASN A 127 9.74 -11.03 4.81
CA ASN A 127 10.16 -12.39 5.09
C ASN A 127 9.92 -12.65 6.58
N ALA A 128 8.88 -13.42 6.92
CA ALA A 128 8.57 -13.69 8.32
C ALA A 128 9.53 -14.65 9.02
N ASP A 129 10.29 -15.45 8.23
CA ASP A 129 11.28 -16.42 8.76
C ASP A 129 12.43 -15.69 9.46
N ASN A 130 12.97 -14.62 8.84
CA ASN A 130 14.04 -13.84 9.48
C ASN A 130 13.62 -12.44 9.92
N ARG A 131 12.32 -12.08 9.75
CA ARG A 131 11.74 -10.79 10.13
C ARG A 131 12.31 -9.63 9.30
N THR A 132 12.56 -9.84 7.99
CA THR A 132 13.18 -8.80 7.17
C THR A 132 12.36 -8.32 5.99
N VAL A 133 12.59 -7.07 5.56
CA VAL A 133 11.92 -6.45 4.44
C VAL A 133 12.91 -6.19 3.27
N PHE A 134 12.44 -6.20 2.01
CA PHE A 134 13.30 -5.96 0.83
C PHE A 134 13.39 -4.48 0.56
N PHE A 135 14.56 -3.90 0.83
CA PHE A 135 14.82 -2.47 0.70
C PHE A 135 16.13 -2.27 -0.02
N GLU A 136 16.12 -1.51 -1.11
CA GLU A 136 17.31 -1.15 -1.88
C GLU A 136 18.17 -2.34 -2.28
N GLY A 137 17.52 -3.33 -2.86
CA GLY A 137 18.22 -4.50 -3.41
C GLY A 137 18.52 -5.66 -2.50
N LYS A 138 18.33 -5.50 -1.19
CA LYS A 138 18.61 -6.58 -0.24
C LYS A 138 17.59 -6.62 0.87
N TYR A 139 17.60 -7.70 1.65
CA TYR A 139 16.75 -7.81 2.81
C TYR A 139 17.43 -7.23 4.07
N GLY A 140 16.63 -6.72 4.99
CA GLY A 140 17.15 -6.13 6.21
C GLY A 140 16.06 -5.99 7.23
N GLY A 141 16.46 -6.10 8.50
CA GLY A 141 15.54 -5.99 9.63
C GLY A 141 15.24 -4.54 9.98
N MET A 142 14.45 -4.34 11.03
CA MET A 142 14.04 -3.01 11.50
C MET A 142 15.19 -2.05 11.68
N GLU A 143 16.30 -2.52 12.29
CA GLU A 143 17.48 -1.72 12.60
C GLU A 143 18.07 -0.99 11.39
N LEU A 144 17.70 -1.39 10.19
CA LEU A 144 18.11 -0.75 8.96
C LEU A 144 17.58 0.70 8.95
N PHE A 145 16.35 0.91 9.43
CA PHE A 145 15.66 2.19 9.45
C PHE A 145 15.84 2.98 10.73
N ARG A 146 16.84 2.64 11.54
CA ARG A 146 17.06 3.28 12.84
C ARG A 146 17.23 4.79 12.75
N ALA A 147 17.97 5.25 11.72
CA ALA A 147 18.26 6.66 11.52
C ALA A 147 17.04 7.53 11.27
N LEU A 148 15.92 6.97 10.78
CA LEU A 148 14.69 7.73 10.52
C LEU A 148 14.19 8.38 11.80
N GLY A 149 14.26 7.64 12.91
CA GLY A 149 13.84 8.12 14.20
C GLY A 149 12.35 7.99 14.40
N CYS A 150 11.70 7.03 13.72
CA CYS A 150 10.25 6.79 13.84
C CYS A 150 9.94 5.75 14.91
N SER A 151 10.78 4.68 14.99
CA SER A 151 10.80 3.60 15.95
C SER A 151 9.44 2.87 16.12
N GLU A 152 8.45 3.52 16.77
CA GLU A 152 7.11 3.00 16.95
C GLU A 152 6.44 2.78 15.59
N LEU A 153 6.63 3.68 14.62
CA LEU A 153 6.05 3.53 13.28
C LEU A 153 6.69 2.35 12.55
N ILE A 154 8.02 2.22 12.58
CA ILE A 154 8.72 1.11 11.93
C ILE A 154 8.30 -0.24 12.53
N SER A 155 8.16 -0.31 13.85
CA SER A 155 7.73 -1.53 14.53
C SER A 155 6.29 -1.84 14.14
N SER A 156 5.43 -0.82 14.12
CA SER A 156 4.03 -0.98 13.75
C SER A 156 3.90 -1.54 12.34
N ILE A 157 4.74 -1.05 11.41
CA ILE A 157 4.79 -1.51 10.02
C ILE A 157 5.22 -2.98 9.97
N PHE A 158 6.30 -3.31 10.66
CA PHE A 158 6.85 -4.66 10.71
C PHE A 158 5.90 -5.67 11.38
N ASP A 159 5.10 -5.22 12.35
CA ASP A 159 4.12 -6.10 12.98
C ASP A 159 2.97 -6.35 12.01
N PHE A 160 2.55 -5.30 11.29
CA PHE A 160 1.47 -5.38 10.31
C PHE A 160 1.79 -6.33 9.17
N SER A 161 3.05 -6.34 8.73
CA SER A 161 3.50 -7.24 7.67
C SER A 161 3.59 -8.67 8.20
N HIS A 162 4.04 -8.82 9.47
CA HIS A 162 4.09 -10.12 10.13
C HIS A 162 2.68 -10.72 10.29
N SER A 163 1.69 -9.87 10.57
CA SER A 163 0.33 -10.31 10.78
C SER A 163 -0.34 -10.76 9.48
N LEU A 164 0.00 -10.09 8.36
CA LEU A 164 -0.55 -10.49 7.06
C LEU A 164 0.20 -11.71 6.50
N SER A 165 1.43 -11.97 6.98
CA SER A 165 2.20 -13.12 6.52
C SER A 165 1.56 -14.40 7.02
N ALA A 166 1.03 -14.37 8.27
CA ALA A 166 0.34 -15.51 8.88
C ALA A 166 -0.87 -15.94 8.07
N LEU A 167 -1.43 -15.06 7.23
CA LEU A 167 -2.60 -15.39 6.42
C LEU A 167 -2.23 -16.18 5.15
N HIS A 168 -0.96 -16.14 4.73
CA HIS A 168 -0.44 -16.87 3.57
C HIS A 168 -1.23 -16.57 2.32
N PHE A 169 -1.54 -15.28 2.14
CA PHE A 169 -2.29 -14.69 1.04
C PHE A 169 -1.83 -15.20 -0.31
N SER A 170 -2.74 -15.26 -1.27
CA SER A 170 -2.38 -15.54 -2.65
C SER A 170 -2.42 -14.19 -3.39
N GLU A 171 -1.82 -14.10 -4.58
CA GLU A 171 -1.81 -12.84 -5.34
C GLU A 171 -3.23 -12.35 -5.63
N ASP A 172 -4.12 -13.29 -5.98
CA ASP A 172 -5.51 -13.02 -6.26
C ASP A 172 -6.19 -12.42 -5.03
N GLU A 173 -5.89 -12.95 -3.84
CA GLU A 173 -6.42 -12.42 -2.58
C GLU A 173 -5.92 -11.01 -2.28
N ILE A 174 -4.62 -10.75 -2.50
CA ILE A 174 -4.04 -9.43 -2.29
C ILE A 174 -4.62 -8.42 -3.27
N ALA A 175 -4.92 -8.85 -4.51
CA ALA A 175 -5.53 -8.00 -5.52
C ALA A 175 -6.98 -7.64 -5.16
N LEU A 176 -7.76 -8.65 -4.76
CA LEU A 176 -9.15 -8.44 -4.41
C LEU A 176 -9.30 -7.63 -3.11
N TYR A 177 -8.40 -7.87 -2.15
CA TYR A 177 -8.45 -7.16 -0.88
C TYR A 177 -8.06 -5.69 -1.03
N THR A 178 -6.97 -5.41 -1.76
CA THR A 178 -6.51 -4.03 -1.97
C THR A 178 -7.51 -3.22 -2.77
N ALA A 179 -8.24 -3.84 -3.71
CA ALA A 179 -9.28 -3.11 -4.46
C ALA A 179 -10.35 -2.59 -3.51
N LEU A 180 -10.72 -3.39 -2.51
CA LEU A 180 -11.70 -3.04 -1.48
C LEU A 180 -11.18 -1.99 -0.53
N VAL A 181 -9.90 -2.09 -0.16
CA VAL A 181 -9.15 -1.16 0.69
C VAL A 181 -9.22 0.24 0.05
N LEU A 182 -9.06 0.29 -1.28
CA LEU A 182 -9.09 1.53 -2.04
C LEU A 182 -10.53 2.02 -2.25
N ILE A 183 -11.42 1.14 -2.71
CA ILE A 183 -12.80 1.51 -2.95
C ILE A 183 -13.62 1.48 -1.65
N ASN A 184 -13.46 2.50 -0.80
CA ASN A 184 -14.19 2.59 0.46
C ASN A 184 -15.24 3.70 0.36
N ALA A 185 -16.55 3.36 0.44
CA ALA A 185 -17.61 4.38 0.36
C ALA A 185 -17.72 5.29 1.60
N HIS A 186 -17.02 4.96 2.68
CA HIS A 186 -17.04 5.72 3.93
C HIS A 186 -16.07 6.88 3.99
N ARG A 187 -15.25 7.07 2.94
CA ARG A 187 -14.27 8.15 2.90
C ARG A 187 -14.95 9.49 2.95
N PRO A 188 -14.53 10.36 3.87
CA PRO A 188 -15.15 11.70 3.95
C PRO A 188 -14.81 12.53 2.73
N GLY A 189 -15.77 13.29 2.24
CA GLY A 189 -15.54 14.15 1.09
C GLY A 189 -15.96 13.57 -0.25
N LEU A 190 -16.58 12.38 -0.26
CA LEU A 190 -17.04 11.81 -1.53
C LEU A 190 -18.33 12.48 -1.95
N GLN A 191 -18.41 12.90 -3.21
CA GLN A 191 -19.63 13.49 -3.75
C GLN A 191 -20.70 12.42 -4.09
N GLU A 192 -20.38 11.45 -4.96
CA GLU A 192 -21.34 10.40 -5.32
C GLU A 192 -21.12 9.15 -4.45
N LYS A 193 -21.49 9.24 -3.15
CA LYS A 193 -21.33 8.17 -2.19
C LYS A 193 -21.98 6.89 -2.64
N ARG A 194 -23.13 6.98 -3.32
CA ARG A 194 -23.84 5.78 -3.79
C ARG A 194 -23.06 5.06 -4.85
N LYS A 195 -22.47 5.79 -5.79
CA LYS A 195 -21.71 5.21 -6.88
C LYS A 195 -20.47 4.47 -6.37
N VAL A 196 -19.87 4.95 -5.25
CA VAL A 196 -18.74 4.25 -4.64
C VAL A 196 -19.28 3.00 -3.97
N GLU A 197 -20.37 3.12 -3.19
CA GLU A 197 -21.09 2.05 -2.52
C GLU A 197 -21.54 0.90 -3.47
N GLN A 198 -21.84 1.21 -4.74
CA GLN A 198 -22.27 0.20 -5.70
C GLN A 198 -21.06 -0.66 -6.06
N LEU A 199 -19.96 -0.01 -6.46
CA LEU A 199 -18.72 -0.66 -6.84
C LEU A 199 -18.04 -1.37 -5.66
N GLN A 200 -18.05 -0.78 -4.47
CA GLN A 200 -17.50 -1.40 -3.26
C GLN A 200 -18.27 -2.69 -2.95
N TYR A 201 -19.59 -2.71 -3.21
CA TYR A 201 -20.40 -3.90 -2.95
C TYR A 201 -20.02 -4.99 -3.97
N ASN A 202 -19.88 -4.59 -5.25
CA ASN A 202 -19.53 -5.49 -6.33
C ASN A 202 -18.18 -6.13 -6.05
N LEU A 203 -17.20 -5.32 -5.65
CA LEU A 203 -15.87 -5.80 -5.30
C LEU A 203 -15.87 -6.68 -4.08
N GLU A 204 -16.80 -6.47 -3.16
CA GLU A 204 -16.90 -7.27 -1.95
C GLU A 204 -17.43 -8.65 -2.33
N LEU A 205 -18.45 -8.70 -3.23
CA LEU A 205 -19.04 -9.96 -3.74
C LEU A 205 -17.94 -10.76 -4.42
N ALA A 206 -17.11 -10.09 -5.24
CA ALA A 206 -16.03 -10.73 -5.95
C ALA A 206 -15.02 -11.32 -4.99
N PHE A 207 -14.68 -10.59 -3.92
CA PHE A 207 -13.70 -11.04 -2.93
C PHE A 207 -14.22 -12.24 -2.21
N HIS A 208 -15.41 -12.12 -1.62
CA HIS A 208 -16.03 -13.18 -0.86
C HIS A 208 -16.32 -14.37 -1.73
N HIS A 209 -16.76 -14.15 -2.96
CA HIS A 209 -17.04 -15.27 -3.89
C HIS A 209 -15.79 -16.06 -4.16
N HIS A 210 -14.68 -15.36 -4.42
CA HIS A 210 -13.42 -16.02 -4.68
C HIS A 210 -12.96 -16.84 -3.46
N LEU A 211 -13.08 -16.25 -2.26
CA LEU A 211 -12.75 -16.89 -1.01
C LEU A 211 -13.58 -18.16 -0.84
N CYS A 212 -14.87 -18.05 -1.14
CA CYS A 212 -15.83 -19.12 -1.03
C CYS A 212 -15.47 -20.27 -1.98
N LYS A 213 -15.23 -19.97 -3.26
CA LYS A 213 -14.87 -20.97 -4.26
C LYS A 213 -13.62 -21.70 -3.87
N THR A 214 -12.59 -20.96 -3.45
CA THR A 214 -11.29 -21.51 -3.10
C THR A 214 -11.20 -22.08 -1.70
N HIS A 215 -12.31 -22.08 -0.93
CA HIS A 215 -12.38 -22.58 0.45
C HIS A 215 -11.39 -21.83 1.31
N ARG A 216 -11.54 -20.50 1.36
CA ARG A 216 -10.66 -19.56 2.07
C ARG A 216 -11.39 -18.46 2.85
N GLN A 217 -12.70 -18.61 3.16
CA GLN A 217 -13.41 -17.58 3.95
C GLN A 217 -12.87 -17.43 5.38
N SER A 218 -12.06 -18.38 5.82
CA SER A 218 -11.43 -18.46 7.12
C SER A 218 -10.66 -17.14 7.42
N ILE A 219 -9.99 -16.60 6.37
CA ILE A 219 -9.19 -15.40 6.41
C ILE A 219 -10.00 -14.18 6.80
N LEU A 220 -11.30 -14.11 6.43
CA LEU A 220 -12.18 -12.97 6.76
C LEU A 220 -12.09 -12.52 8.22
N ALA A 221 -12.09 -13.49 9.15
CA ALA A 221 -12.04 -13.18 10.57
C ALA A 221 -10.65 -12.75 11.04
N LYS A 222 -9.59 -13.24 10.37
CA LYS A 222 -8.20 -12.93 10.71
C LYS A 222 -7.69 -11.61 10.10
N LEU A 223 -8.36 -11.07 9.04
CA LEU A 223 -7.98 -9.81 8.37
C LEU A 223 -7.88 -8.67 9.37
N PRO A 224 -6.96 -7.73 9.14
CA PRO A 224 -6.79 -6.63 10.09
C PRO A 224 -8.02 -5.75 10.20
N PRO A 225 -8.28 -5.21 11.39
CA PRO A 225 -9.40 -4.27 11.53
C PRO A 225 -9.13 -2.99 10.72
N LYS A 226 -10.18 -2.32 10.21
CA LYS A 226 -10.01 -1.07 9.44
C LYS A 226 -9.24 0.03 10.22
N GLY A 227 -9.36 0.02 11.54
CA GLY A 227 -8.68 0.95 12.41
C GLY A 227 -7.18 0.72 12.55
N LYS A 228 -6.69 -0.47 12.16
CA LYS A 228 -5.25 -0.70 12.19
C LYS A 228 -4.63 0.11 11.03
N LEU A 229 -5.18 -0.02 9.82
CA LEU A 229 -4.69 0.73 8.66
C LEU A 229 -4.75 2.24 8.89
N ARG A 230 -5.80 2.72 9.57
CA ARG A 230 -5.98 4.14 9.86
C ARG A 230 -4.92 4.64 10.85
N SER A 231 -4.54 3.81 11.85
CA SER A 231 -3.55 4.20 12.85
C SER A 231 -2.18 4.33 12.22
N LEU A 232 -1.83 3.42 11.31
CA LEU A 232 -0.54 3.43 10.64
C LEU A 232 -0.40 4.65 9.78
N CYS A 233 -1.48 5.02 9.05
CA CYS A 233 -1.46 6.23 8.23
C CYS A 233 -1.34 7.46 9.09
N SER A 234 -2.03 7.49 10.24
CA SER A 234 -1.95 8.59 11.18
C SER A 234 -0.52 8.74 11.69
N GLN A 235 0.10 7.65 12.20
CA GLN A 235 1.48 7.59 12.66
C GLN A 235 2.41 8.13 11.60
N HIS A 236 2.19 7.74 10.33
CA HIS A 236 2.96 8.27 9.19
C HIS A 236 2.91 9.81 9.13
N VAL A 237 1.72 10.42 8.95
CA VAL A 237 1.55 11.87 8.86
C VAL A 237 2.07 12.61 10.12
N GLU A 238 1.82 12.05 11.30
CA GLU A 238 2.26 12.62 12.58
C GLU A 238 3.79 12.67 12.63
N ARG A 239 4.46 11.57 12.26
CA ARG A 239 5.92 11.54 12.25
C ARG A 239 6.50 12.40 11.15
N LEU A 240 5.77 12.57 10.04
CA LEU A 240 6.19 13.43 8.95
C LEU A 240 6.12 14.89 9.40
N GLN A 241 5.03 15.31 10.08
CA GLN A 241 4.92 16.70 10.56
C GLN A 241 6.13 17.07 11.42
N ILE A 242 6.46 16.17 12.38
CA ILE A 242 7.61 16.31 13.26
C ILE A 242 8.91 16.56 12.44
N PHE A 243 9.23 15.68 11.48
CA PHE A 243 10.42 15.84 10.64
C PHE A 243 10.39 17.15 9.88
N GLN A 244 9.28 17.47 9.21
CA GLN A 244 9.08 18.69 8.43
C GLN A 244 9.34 19.95 9.28
N HIS A 245 8.92 19.91 10.56
CA HIS A 245 9.12 21.02 11.48
C HIS A 245 10.64 21.26 11.72
N LEU A 246 11.43 20.18 11.83
CA LEU A 246 12.86 20.27 12.02
C LEU A 246 13.60 20.61 10.73
N HIS A 247 13.20 19.98 9.60
CA HIS A 247 13.83 20.18 8.30
C HIS A 247 12.82 20.63 7.23
N PRO A 248 12.31 21.88 7.31
CA PRO A 248 11.32 22.31 6.30
C PRO A 248 11.86 22.46 4.89
N ILE A 249 13.14 22.81 4.75
CA ILE A 249 13.70 22.99 3.40
C ILE A 249 14.13 21.63 2.79
N VAL A 250 14.28 20.56 3.61
CA VAL A 250 14.59 19.23 3.06
C VAL A 250 13.32 18.73 2.41
N VAL A 251 12.18 18.80 3.12
CA VAL A 251 10.88 18.41 2.59
C VAL A 251 10.53 19.28 1.36
N GLN A 252 10.90 20.56 1.40
CA GLN A 252 10.63 21.45 0.30
C GLN A 252 11.45 21.16 -0.95
N ALA A 253 12.76 20.96 -0.80
CA ALA A 253 13.62 20.77 -1.94
C ALA A 253 13.79 19.32 -2.41
N ALA A 254 13.96 18.39 -1.47
CA ALA A 254 14.28 17.02 -1.75
C ALA A 254 13.13 16.00 -1.67
N PHE A 255 11.90 16.39 -1.29
CA PHE A 255 10.80 15.41 -1.27
C PHE A 255 10.00 15.44 -2.57
N PRO A 256 9.53 14.28 -3.07
CA PRO A 256 8.78 14.29 -4.32
C PRO A 256 7.47 15.06 -4.19
N PRO A 257 7.10 15.83 -5.22
CA PRO A 257 5.83 16.56 -5.19
C PRO A 257 4.60 15.73 -4.80
N LEU A 258 4.41 14.54 -5.41
CA LEU A 258 3.27 13.67 -5.10
C LEU A 258 3.24 13.24 -3.62
N TYR A 259 4.42 13.10 -2.97
CA TYR A 259 4.50 12.73 -1.56
C TYR A 259 3.91 13.88 -0.75
N LYS A 260 4.42 15.11 -0.96
CA LYS A 260 3.90 16.30 -0.28
C LYS A 260 2.38 16.48 -0.55
N GLU A 261 1.92 16.17 -1.76
CA GLU A 261 0.50 16.27 -2.10
C GLU A 261 -0.38 15.36 -1.22
N LEU A 262 -0.03 14.08 -1.11
CA LEU A 262 -0.82 13.16 -0.31
C LEU A 262 -0.61 13.30 1.18
N PHE A 263 0.60 13.67 1.67
CA PHE A 263 0.86 13.65 3.12
C PHE A 263 1.27 14.96 3.80
N SER A 264 1.31 16.09 3.07
CA SER A 264 1.77 17.35 3.66
C SER A 264 0.76 18.50 3.44
N LYS A 277 -3.15 19.84 -9.16
CA LYS A 277 -1.92 19.24 -8.62
C LYS A 277 -1.44 17.98 -9.44
N ILE A 278 -0.57 17.09 -8.87
CA ILE A 278 0.02 15.92 -9.57
C ILE A 278 -0.98 14.81 -9.87
N LEU A 279 -1.86 14.49 -8.90
CA LEU A 279 -2.85 13.43 -9.04
C LEU A 279 -3.78 13.64 -10.23
N HIS A 280 -4.20 14.89 -10.47
CA HIS A 280 -5.08 15.19 -11.61
C HIS A 280 -4.34 14.88 -12.94
N ARG A 281 -3.06 15.26 -13.04
CA ARG A 281 -2.27 15.00 -14.22
C ARG A 281 -2.05 13.49 -14.38
N LEU A 282 -1.77 12.79 -13.27
CA LEU A 282 -1.59 11.34 -13.25
C LEU A 282 -2.85 10.59 -13.66
N LEU A 283 -4.03 11.14 -13.39
CA LEU A 283 -5.29 10.49 -13.74
C LEU A 283 -5.67 10.67 -15.21
N GLN A 284 -5.38 11.85 -15.81
CA GLN A 284 -5.66 12.20 -17.20
C GLN A 284 -5.19 11.15 -18.21
N GLU A 285 -3.93 10.67 -18.05
CA GLU A 285 -3.21 9.72 -18.91
C GLU A 285 -4.10 8.76 -19.73
C1 Z8I B . 8.55 2.24 0.32
C2 Z8I B . 7.60 1.35 -0.49
N3 Z8I B . 7.59 0.07 0.24
C4 Z8I B . 7.73 0.32 1.69
C5 Z8I B . 8.63 1.60 1.73
C6 Z8I B . 6.38 0.43 2.38
C7 Z8I B . 6.58 0.96 3.79
C8 Z8I B . 7.31 2.28 3.80
C9 Z8I B . 8.25 2.61 2.81
C10 Z8I B . 7.06 3.19 4.81
C11 Z8I B . 7.68 4.43 4.88
C12 Z8I B . 8.59 4.75 3.87
C13 Z8I B . 8.86 3.86 2.86
C14 Z8I B . 7.41 5.35 6.05
S15 Z8I B . 10.36 1.12 2.16
C16 Z8I B . 10.27 0.67 3.86
C17 Z8I B . 9.91 -0.62 4.21
C18 Z8I B . 9.79 -0.96 5.53
C19 Z8I B . 10.41 1.27 6.17
C20 Z8I B . 10.53 1.62 4.84
C21 Z8I B . 10.03 0.01 6.48
O22 Z8I B . 11.20 2.29 2.04
O23 Z8I B . 10.71 -0.06 1.41
C24 Z8I B . 8.35 5.01 7.23
C25 Z8I B . 7.49 6.84 5.70
F26 Z8I B . 6.14 5.17 6.55
F27 Z8I B . 7.02 7.60 6.71
F28 Z8I B . 6.78 7.14 4.61
F29 Z8I B . 8.75 7.23 5.47
F30 Z8I B . 8.25 3.74 7.60
F31 Z8I B . 8.06 5.76 8.29
F32 Z8I B . 9.63 5.24 6.92
F33 Z8I B . 9.89 -0.32 7.78
C34 Z8I B . 7.47 -1.20 -0.20
C35 Z8I B . 7.08 -1.45 -1.66
O36 Z8I B . 7.66 -2.15 0.54
C37 Z8I B . 5.57 -1.19 -1.88
C38 Z8I B . 4.94 -2.55 -1.75
C39 Z8I B . 6.05 -3.51 -2.24
N40 Z8I B . 7.23 -2.88 -2.03
O41 Z8I B . 5.90 -4.61 -2.71
F42 Z8I B . 3.85 -2.62 -2.59
C43 Z8I B . 8.53 -3.58 -2.15
C44 Z8I B . 9.40 -3.15 -3.34
O45 Z8I B . 9.83 -1.80 -3.11
C46 Z8I B . 8.60 -3.20 -4.64
C47 Z8I B . 10.64 -4.03 -3.41
H49 Z8I B . 8.17 3.26 0.33
H48 Z8I B . 9.53 2.31 -0.16
H50 Z8I B . 7.93 1.22 -1.53
H51 Z8I B . 6.60 1.76 -0.56
H52 Z8I B . 8.26 -0.50 2.17
H53 Z8I B . 5.89 -0.54 2.40
H54 Z8I B . 5.71 1.08 1.83
H56 Z8I B . 5.61 1.06 4.28
H55 Z8I B . 7.13 0.25 4.40
H57 Z8I B . 6.32 2.91 5.57
H58 Z8I B . 9.11 5.71 3.85
H59 Z8I B . 9.58 4.17 2.10
H60 Z8I B . 9.72 -1.37 3.44
H61 Z8I B . 9.50 -1.97 5.83
H62 Z8I B . 10.60 2.02 6.94
H63 Z8I B . 10.84 2.63 4.56
H64 Z8I B . 7.70 -0.82 -2.34
H66 Z8I B . 5.40 -0.74 -2.85
H65 Z8I B . 5.18 -0.47 -1.17
H67 Z8I B . 4.63 -2.81 -0.74
H69 Z8I B . 9.09 -3.44 -1.23
H68 Z8I B . 8.36 -4.66 -2.22
H70 Z8I B . 10.35 -1.53 -3.90
H71 Z8I B . 9.22 -2.97 -5.51
H73 Z8I B . 7.77 -2.49 -4.65
H72 Z8I B . 8.17 -4.19 -4.82
H75 Z8I B . 11.29 -3.75 -4.24
H74 Z8I B . 10.38 -5.08 -3.56
H76 Z8I B . 11.24 -3.97 -2.51
#